data_5OVE
#
_entry.id   5OVE
#
_cell.length_a   41.335
_cell.length_b   85.260
_cell.length_c   176.976
_cell.angle_alpha   90.00
_cell.angle_beta   90.00
_cell.angle_gamma   90.00
#
_symmetry.space_group_name_H-M   'P 21 21 21'
#
loop_
_entity.id
_entity.type
_entity.pdbx_description
1 polymer 'Son of sevenless homolog 1'
2 non-polymer 1,2-ETHANEDIOL
3 non-polymer 6,7-dimethoxy-~{N}-[(1~{R})-1-naphthalen-1-ylethyl]quinazolin-4-amine
4 water water
#
_entity_poly.entity_id   1
_entity_poly.type   'polypeptide(L)'
_entity_poly.pdbx_seq_one_letter_code
;GAMAEEQMRLPSADVYRFAEPDSEENIIFEENMQPKAGIPIIKAGTVIKLIERLTYHMYADPNFVRTFLTTYRSFCKPQE
LLSLIIERFEIPEPEPTEADRIAIENGDQPLSAELKRFRKEYIQPVQLRVLNVCRHWVEHHFYDFERDAYLLQRMEEFIG
TVRGKAMKKWVESITKIIQRKKIARDNGPGHNITFQSSPPTVEWHISRPGHIETFDLLTLHPIEIARQLTLLESDLYRAV
QPSELVGSVWTKEDKEINSPNLLKMIRHTTNLTLWFEKCIVETENLEERVAVVSRIIEILQVFQELNNFNGVLEVVSAMN
SSPVYRLDHTFEQIPSRQKKILEEAHELSEDHYKKYLAKLRSINPPCVPFFGIYLTNILKTEEGNPEVLKRHGKELINFS
KRRKVAEITGEIQQYQNQPYCLRVESDIKRFFENLNPMGNSMEKEFTDYLFNKSLEIEPRNPKPLPRFPKKYSYPLKSPG
VRPSNPRPGT
;
_entity_poly.pdbx_strand_id   A
#
# COMPACT_ATOMS: atom_id res chain seq x y z
N GLY A 1 23.90 -21.45 39.41
CA GLY A 1 23.74 -22.62 38.49
C GLY A 1 23.91 -22.28 37.02
N ALA A 2 23.53 -23.23 36.16
CA ALA A 2 23.68 -23.08 34.70
C ALA A 2 22.78 -21.99 34.10
N MET A 3 21.61 -21.76 34.71
CA MET A 3 20.70 -20.69 34.29
C MET A 3 21.30 -19.31 34.54
N ALA A 4 21.91 -19.13 35.72
CA ALA A 4 22.63 -17.90 36.05
C ALA A 4 23.93 -17.75 35.26
N GLU A 5 24.60 -18.88 35.00
CA GLU A 5 25.85 -18.87 34.23
CA GLU A 5 25.85 -18.90 34.22
C GLU A 5 25.60 -18.39 32.80
N GLU A 6 24.50 -18.83 32.20
CA GLU A 6 24.10 -18.39 30.86
C GLU A 6 23.75 -16.91 30.82
N GLN A 7 23.01 -16.45 31.83
CA GLN A 7 22.61 -15.04 31.95
C GLN A 7 23.81 -14.12 32.23
N MET A 8 24.68 -14.53 33.15
CA MET A 8 25.83 -13.71 33.55
C MET A 8 26.94 -13.62 32.48
N ARG A 9 26.97 -14.58 31.55
CA ARG A 9 27.79 -14.47 30.33
C ARG A 9 27.38 -13.30 29.43
N LEU A 10 26.08 -12.96 29.42
CA LEU A 10 25.59 -11.77 28.72
C LEU A 10 25.93 -10.51 29.52
N PRO A 11 25.96 -9.32 28.87
CA PRO A 11 26.31 -8.09 29.61
C PRO A 11 25.30 -7.69 30.69
N SER A 12 25.77 -6.92 31.67
CA SER A 12 24.92 -6.46 32.77
C SER A 12 24.00 -5.32 32.33
N ALA A 13 22.87 -5.18 33.04
CA ALA A 13 21.82 -4.23 32.70
C ALA A 13 22.20 -2.76 32.87
N ASP A 14 23.19 -2.48 33.72
CA ASP A 14 23.69 -1.11 33.92
C ASP A 14 24.54 -0.56 32.75
N VAL A 15 25.01 -1.44 31.86
CA VAL A 15 25.82 -1.03 30.69
C VAL A 15 25.28 -1.46 29.31
N TYR A 16 24.14 -2.14 29.27
CA TYR A 16 23.56 -2.65 28.02
CA TYR A 16 23.56 -2.65 28.02
C TYR A 16 22.10 -3.03 28.24
N ARG A 17 21.19 -2.41 27.49
CA ARG A 17 19.75 -2.57 27.71
C ARG A 17 19.08 -3.77 27.02
N PHE A 18 19.75 -4.39 26.05
CA PHE A 18 19.13 -5.47 25.25
C PHE A 18 19.53 -6.88 25.70
N ALA A 19 19.76 -7.06 27.00
CA ALA A 19 20.16 -8.37 27.55
C ALA A 19 19.56 -8.67 28.93
N GLU A 20 18.34 -8.17 29.18
CA GLU A 20 17.62 -8.51 30.41
C GLU A 20 16.91 -9.86 30.20
N PRO A 21 16.51 -10.53 31.31
CA PRO A 21 15.79 -11.80 31.14
C PRO A 21 14.40 -11.61 30.56
N ASP A 22 13.96 -12.55 29.73
CA ASP A 22 12.61 -12.52 29.17
C ASP A 22 11.60 -12.88 30.26
N SER A 23 10.54 -12.08 30.34
CA SER A 23 9.45 -12.28 31.30
C SER A 23 8.12 -11.87 30.68
N GLU A 24 7.04 -12.20 31.39
CA GLU A 24 5.69 -11.78 30.99
C GLU A 24 5.45 -10.26 31.15
N GLU A 25 6.33 -9.60 31.90
CA GLU A 25 6.29 -8.14 32.06
C GLU A 25 6.86 -7.37 30.84
N ASN A 26 7.65 -8.04 29.98
CA ASN A 26 8.27 -7.38 28.80
C ASN A 26 8.14 -8.05 27.42
N ILE A 27 7.76 -9.34 27.36
CA ILE A 27 7.57 -10.02 26.07
C ILE A 27 6.67 -11.26 26.18
N ILE A 28 5.70 -11.37 25.26
CA ILE A 28 4.79 -12.53 25.18
C ILE A 28 4.79 -13.08 23.76
N PHE A 29 4.70 -14.40 23.66
CA PHE A 29 4.66 -15.12 22.39
C PHE A 29 3.26 -15.70 22.16
N GLU A 30 2.99 -16.12 20.93
CA GLU A 30 1.68 -16.67 20.57
C GLU A 30 1.46 -18.06 21.18
N GLU A 31 2.19 -19.06 20.69
CA GLU A 31 2.12 -20.42 21.23
C GLU A 31 3.42 -21.19 20.97
N GLY A 38 9.42 -24.94 16.78
CA GLY A 38 10.25 -24.05 15.96
C GLY A 38 10.41 -22.66 16.57
N ILE A 39 10.54 -21.66 15.70
CA ILE A 39 10.74 -20.26 16.12
C ILE A 39 9.41 -19.72 16.66
N PRO A 40 9.41 -19.18 17.90
CA PRO A 40 8.16 -18.68 18.47
C PRO A 40 7.75 -17.32 17.90
N ILE A 41 6.44 -17.15 17.66
CA ILE A 41 5.90 -15.93 17.06
C ILE A 41 5.65 -14.91 18.17
N ILE A 42 6.19 -13.71 18.02
CA ILE A 42 6.06 -12.65 19.02
C ILE A 42 4.67 -12.01 18.96
N LYS A 43 3.93 -12.07 20.07
CA LYS A 43 2.60 -11.49 20.16
C LYS A 43 2.69 -10.02 20.52
N ALA A 44 3.48 -9.72 21.55
CA ALA A 44 3.68 -8.35 22.00
C ALA A 44 4.97 -8.21 22.81
N GLY A 45 5.33 -6.96 23.12
CA GLY A 45 6.49 -6.67 23.95
C GLY A 45 6.84 -5.19 23.95
N THR A 46 7.87 -4.83 24.69
CA THR A 46 8.43 -3.48 24.68
C THR A 46 9.20 -3.27 23.39
N VAL A 47 9.43 -2.00 23.04
CA VAL A 47 10.27 -1.65 21.88
C VAL A 47 11.70 -2.23 22.00
N ILE A 48 12.22 -2.30 23.23
CA ILE A 48 13.56 -2.82 23.49
C ILE A 48 13.64 -4.31 23.15
N LYS A 49 12.68 -5.10 23.65
CA LYS A 49 12.60 -6.53 23.37
C LYS A 49 12.35 -6.88 21.91
N LEU A 50 11.53 -6.05 21.24
CA LEU A 50 11.32 -6.17 19.78
C LEU A 50 12.65 -6.04 19.02
N ILE A 51 13.43 -5.02 19.39
CA ILE A 51 14.75 -4.79 18.78
C ILE A 51 15.72 -5.96 19.03
N GLU A 52 15.71 -6.50 20.25
CA GLU A 52 16.54 -7.66 20.61
C GLU A 52 16.18 -8.88 19.75
N ARG A 53 14.88 -9.15 19.63
CA ARG A 53 14.39 -10.28 18.82
C ARG A 53 14.50 -10.04 17.31
N LEU A 54 14.50 -8.77 16.90
CA LEU A 54 14.77 -8.39 15.51
C LEU A 54 16.19 -8.77 15.06
N THR A 55 17.13 -8.79 16.02
CA THR A 55 18.52 -9.15 15.76
C THR A 55 18.99 -10.20 16.77
N TYR A 56 18.22 -11.29 16.88
CA TYR A 56 18.46 -12.33 17.89
C TYR A 56 19.67 -13.18 17.50
N HIS A 57 20.49 -13.52 18.49
CA HIS A 57 21.81 -14.12 18.25
C HIS A 57 21.79 -15.61 17.86
N MET A 58 20.82 -16.36 18.38
CA MET A 58 20.77 -17.82 18.16
C MET A 58 20.32 -18.22 16.76
N TYR A 59 19.31 -17.52 16.21
CA TYR A 59 18.71 -17.89 14.93
C TYR A 59 18.24 -16.67 14.13
N ALA A 60 18.21 -16.84 12.80
CA ALA A 60 17.72 -15.81 11.88
C ALA A 60 16.21 -15.91 11.76
N ASP A 61 15.54 -14.75 11.75
CA ASP A 61 14.08 -14.67 11.71
C ASP A 61 13.65 -13.69 10.60
N PRO A 62 13.75 -14.13 9.32
CA PRO A 62 13.42 -13.24 8.19
C PRO A 62 11.96 -12.79 8.11
N ASN A 63 11.04 -13.58 8.64
CA ASN A 63 9.61 -13.23 8.67
C ASN A 63 9.35 -12.05 9.61
N PHE A 64 9.96 -12.08 10.80
CA PHE A 64 9.84 -10.98 11.76
C PHE A 64 10.52 -9.69 11.27
N VAL A 65 11.65 -9.83 10.55
CA VAL A 65 12.36 -8.67 9.98
C VAL A 65 11.49 -7.96 8.93
N ARG A 66 10.92 -8.74 8.01
CA ARG A 66 10.04 -8.21 6.96
C ARG A 66 8.84 -7.45 7.53
N THR A 67 8.16 -8.08 8.49
CA THR A 67 6.99 -7.49 9.14
C THR A 67 7.36 -6.28 10.00
N PHE A 68 8.50 -6.33 10.69
CA PHE A 68 8.94 -5.21 11.53
C PHE A 68 9.16 -3.96 10.69
N LEU A 69 10.00 -4.08 9.67
CA LEU A 69 10.36 -2.93 8.83
C LEU A 69 9.19 -2.35 8.00
N THR A 70 8.20 -3.19 7.68
CA THR A 70 6.95 -2.74 7.08
C THR A 70 6.10 -1.92 8.06
N THR A 71 6.04 -2.36 9.32
CA THR A 71 5.07 -1.84 10.30
C THR A 71 5.61 -0.92 11.40
N TYR A 72 6.93 -0.85 11.58
CA TYR A 72 7.52 -0.19 12.77
C TYR A 72 7.13 1.28 12.97
N ARG A 73 6.82 1.99 11.89
CA ARG A 73 6.48 3.42 11.96
C ARG A 73 5.20 3.71 12.75
N SER A 74 4.35 2.70 12.90
CA SER A 74 3.16 2.80 13.76
C SER A 74 3.45 2.87 15.26
N PHE A 75 4.65 2.45 15.68
CA PHE A 75 5.06 2.53 17.10
C PHE A 75 6.48 3.08 17.37
N CYS A 76 7.20 3.54 16.34
CA CYS A 76 8.59 3.96 16.49
C CYS A 76 9.04 4.78 15.29
N LYS A 77 9.64 5.95 15.55
CA LYS A 77 10.12 6.83 14.47
C LYS A 77 11.34 6.22 13.78
N PRO A 78 11.53 6.52 12.47
CA PRO A 78 12.74 6.08 11.74
C PRO A 78 14.07 6.47 12.41
N GLN A 79 14.15 7.69 12.91
CA GLN A 79 15.35 8.16 13.64
C GLN A 79 15.60 7.35 14.91
N GLU A 80 14.52 7.08 15.65
CA GLU A 80 14.57 6.27 16.87
C GLU A 80 14.99 4.82 16.59
N LEU A 81 14.48 4.25 15.49
CA LEU A 81 14.84 2.89 15.08
C LEU A 81 16.33 2.77 14.78
N LEU A 82 16.91 3.76 14.09
CA LEU A 82 18.34 3.74 13.79
C LEU A 82 19.15 3.76 15.08
N SER A 83 18.86 4.71 15.96
CA SER A 83 19.52 4.82 17.27
C SER A 83 19.52 3.51 18.09
N LEU A 84 18.39 2.79 18.05
CA LEU A 84 18.26 1.51 18.77
C LEU A 84 19.13 0.40 18.17
N ILE A 85 19.14 0.26 16.85
CA ILE A 85 20.00 -0.74 16.18
C ILE A 85 21.50 -0.40 16.27
N ILE A 86 21.84 0.87 16.48
CA ILE A 86 23.22 1.29 16.77
C ILE A 86 23.59 0.82 18.18
N GLU A 87 22.73 1.14 19.14
CA GLU A 87 22.91 0.72 20.55
C GLU A 87 22.98 -0.81 20.68
N ARG A 88 22.11 -1.50 19.94
CA ARG A 88 22.13 -2.97 19.82
C ARG A 88 23.47 -3.49 19.28
N PHE A 89 24.01 -2.80 18.28
CA PHE A 89 25.31 -3.15 17.68
C PHE A 89 26.48 -2.95 18.64
N GLU A 90 26.49 -1.81 19.34
CA GLU A 90 27.57 -1.45 20.27
C GLU A 90 27.49 -2.24 21.58
N ILE A 91 27.94 -3.49 21.53
CA ILE A 91 27.89 -4.42 22.66
C ILE A 91 29.18 -4.25 23.49
N PRO A 92 29.04 -3.97 24.81
CA PRO A 92 30.23 -3.87 25.66
C PRO A 92 30.78 -5.24 26.03
N GLU A 93 32.11 -5.37 25.99
CA GLU A 93 32.77 -6.63 26.34
C GLU A 93 32.92 -6.75 27.86
N PRO A 94 32.88 -8.00 28.38
CA PRO A 94 33.03 -8.19 29.82
C PRO A 94 34.48 -8.01 30.28
N GLU A 95 34.66 -7.61 31.54
CA GLU A 95 36.00 -7.41 32.11
C GLU A 95 36.75 -8.73 32.18
N PRO A 96 38.09 -8.71 32.00
CA PRO A 96 38.88 -9.93 32.12
C PRO A 96 38.99 -10.40 33.58
N THR A 97 39.33 -11.67 33.78
CA THR A 97 39.46 -12.25 35.13
C THR A 97 40.67 -11.69 35.87
N GLU A 98 40.77 -11.97 37.16
CA GLU A 98 41.86 -11.46 38.01
C GLU A 98 43.23 -11.98 37.57
N ALA A 99 43.30 -13.25 37.16
CA ALA A 99 44.53 -13.82 36.58
C ALA A 99 44.89 -13.14 35.26
N ASP A 100 43.88 -12.88 34.44
CA ASP A 100 44.07 -12.19 33.15
C ASP A 100 44.43 -10.70 33.32
N ARG A 101 43.80 -10.03 34.28
CA ARG A 101 44.00 -8.59 34.51
C ARG A 101 45.43 -8.24 34.91
N ILE A 102 46.03 -9.07 35.78
CA ILE A 102 47.39 -8.84 36.27
C ILE A 102 48.42 -8.98 35.13
N ALA A 103 48.14 -9.85 34.16
CA ALA A 103 48.99 -10.03 32.97
C ALA A 103 49.14 -8.77 32.11
N ILE A 104 48.13 -7.88 32.12
CA ILE A 104 48.18 -6.61 31.37
C ILE A 104 49.23 -5.66 31.97
N GLU A 105 49.15 -5.41 33.27
CA GLU A 105 50.11 -4.54 33.97
C GLU A 105 51.52 -5.12 34.07
N ASN A 106 51.63 -6.46 34.05
CA ASN A 106 52.92 -7.13 33.91
C ASN A 106 53.50 -6.93 32.51
N GLY A 107 52.68 -7.22 31.50
CA GLY A 107 53.06 -7.11 30.10
C GLY A 107 53.06 -8.48 29.43
N ASP A 108 51.87 -9.06 29.33
CA ASP A 108 51.68 -10.41 28.75
C ASP A 108 50.25 -10.60 28.26
N GLN A 109 50.09 -11.47 27.25
CA GLN A 109 48.79 -11.74 26.64
C GLN A 109 47.99 -12.74 27.49
N PRO A 110 46.74 -12.38 27.90
CA PRO A 110 45.91 -13.32 28.67
C PRO A 110 45.37 -14.53 27.88
N LEU A 111 44.60 -15.38 28.57
CA LEU A 111 43.92 -16.53 27.96
C LEU A 111 42.68 -16.06 27.20
N SER A 112 41.79 -15.36 27.92
CA SER A 112 40.58 -14.75 27.35
C SER A 112 39.62 -15.77 26.70
N ALA A 113 39.40 -16.89 27.40
CA ALA A 113 38.52 -17.96 26.89
C ALA A 113 37.03 -17.56 26.92
N GLU A 114 36.63 -16.88 28.00
CA GLU A 114 35.26 -16.38 28.15
C GLU A 114 34.96 -15.23 27.19
N LEU A 115 35.96 -14.37 26.96
CA LEU A 115 35.86 -13.25 26.02
C LEU A 115 35.78 -13.70 24.56
N LYS A 116 36.61 -14.68 24.19
CA LYS A 116 36.60 -15.25 22.83
C LYS A 116 35.29 -15.98 22.51
N ARG A 117 34.80 -16.76 23.48
CA ARG A 117 33.50 -17.45 23.36
C ARG A 117 32.34 -16.46 23.24
N PHE A 118 32.39 -15.38 24.01
CA PHE A 118 31.39 -14.30 23.96
C PHE A 118 31.42 -13.59 22.60
N ARG A 119 32.62 -13.26 22.13
CA ARG A 119 32.82 -12.69 20.79
C ARG A 119 32.32 -13.62 19.68
N LYS A 120 32.58 -14.92 19.83
CA LYS A 120 32.21 -15.93 18.83
C LYS A 120 30.69 -16.15 18.75
N GLU A 121 30.05 -16.36 19.90
CA GLU A 121 28.64 -16.80 19.96
C GLU A 121 27.63 -15.73 20.40
N TYR A 122 28.02 -14.46 20.47
CA TYR A 122 27.09 -13.37 20.79
C TYR A 122 27.37 -12.07 20.03
N ILE A 123 28.54 -11.47 20.25
CA ILE A 123 28.85 -10.17 19.64
C ILE A 123 28.82 -10.25 18.11
N GLN A 124 29.49 -11.26 17.55
CA GLN A 124 29.55 -11.44 16.10
C GLN A 124 28.17 -11.78 15.48
N PRO A 125 27.43 -12.76 16.06
CA PRO A 125 26.05 -13.02 15.62
C PRO A 125 25.09 -11.82 15.68
N VAL A 126 25.10 -11.06 16.77
CA VAL A 126 24.21 -9.91 16.94
C VAL A 126 24.54 -8.82 15.92
N GLN A 127 25.82 -8.48 15.83
CA GLN A 127 26.31 -7.49 14.85
C GLN A 127 26.02 -7.91 13.39
N LEU A 128 26.08 -9.21 13.12
CA LEU A 128 25.72 -9.78 11.81
C LEU A 128 24.23 -9.54 11.48
N ARG A 129 23.37 -9.74 12.47
CA ARG A 129 21.92 -9.57 12.32
C ARG A 129 21.51 -8.10 12.17
N VAL A 130 22.22 -7.20 12.85
CA VAL A 130 21.98 -5.75 12.72
C VAL A 130 22.23 -5.27 11.29
N LEU A 131 23.31 -5.75 10.67
CA LEU A 131 23.63 -5.41 9.29
C LEU A 131 22.62 -5.98 8.29
N ASN A 132 22.09 -7.18 8.57
CA ASN A 132 21.02 -7.77 7.78
C ASN A 132 19.75 -6.91 7.81
N VAL A 133 19.44 -6.36 8.98
CA VAL A 133 18.32 -5.42 9.14
C VAL A 133 18.58 -4.13 8.35
N CYS A 134 19.81 -3.61 8.41
CA CYS A 134 20.19 -2.43 7.62
C CYS A 134 20.10 -2.68 6.12
N ARG A 135 20.51 -3.87 5.69
CA ARG A 135 20.41 -4.28 4.28
C ARG A 135 18.96 -4.37 3.81
N HIS A 136 18.09 -4.94 4.66
CA HIS A 136 16.65 -5.02 4.38
C HIS A 136 15.99 -3.64 4.39
N TRP A 137 16.42 -2.79 5.32
CA TRP A 137 15.88 -1.42 5.47
C TRP A 137 16.11 -0.60 4.20
N VAL A 138 17.37 -0.50 3.77
CA VAL A 138 17.73 0.30 2.59
C VAL A 138 17.20 -0.28 1.26
N GLU A 139 17.15 -1.61 1.16
CA GLU A 139 16.70 -2.30 -0.05
C GLU A 139 15.19 -2.17 -0.26
N HIS A 140 14.41 -2.49 0.77
CA HIS A 140 12.94 -2.56 0.67
C HIS A 140 12.17 -1.36 1.21
N HIS A 141 12.85 -0.44 1.91
CA HIS A 141 12.18 0.74 2.48
C HIS A 141 13.05 1.99 2.35
N PHE A 142 13.55 2.22 1.13
CA PHE A 142 14.44 3.36 0.88
C PHE A 142 13.76 4.72 1.07
N TYR A 143 12.46 4.77 0.77
CA TYR A 143 11.65 5.98 0.96
C TYR A 143 11.88 6.75 2.27
N ASP A 144 12.12 6.03 3.37
CA ASP A 144 12.48 6.67 4.65
C ASP A 144 13.70 7.57 4.52
N PHE A 145 14.72 7.06 3.83
CA PHE A 145 16.02 7.73 3.71
C PHE A 145 16.01 8.92 2.77
N GLU A 146 15.27 8.82 1.66
CA GLU A 146 15.06 9.96 0.76
C GLU A 146 14.11 11.03 1.34
N ARG A 147 13.17 10.60 2.20
CA ARG A 147 12.28 11.54 2.91
C ARG A 147 13.05 12.33 3.97
N ASP A 148 13.86 11.64 4.76
CA ASP A 148 14.70 12.25 5.79
C ASP A 148 16.18 12.05 5.43
N ALA A 149 16.79 13.10 4.87
CA ALA A 149 18.18 13.05 4.41
C ALA A 149 19.20 12.82 5.53
N TYR A 150 18.91 13.38 6.71
CA TYR A 150 19.74 13.19 7.90
C TYR A 150 19.83 11.71 8.33
N LEU A 151 18.73 10.97 8.18
CA LEU A 151 18.69 9.52 8.48
C LEU A 151 19.71 8.74 7.63
N LEU A 152 19.82 9.10 6.36
CA LEU A 152 20.78 8.46 5.45
C LEU A 152 22.23 8.77 5.82
N GLN A 153 22.52 10.02 6.19
CA GLN A 153 23.85 10.43 6.63
C GLN A 153 24.31 9.62 7.85
N ARG A 154 23.40 9.45 8.83
CA ARG A 154 23.66 8.62 10.01
C ARG A 154 23.91 7.16 9.66
N MET A 155 23.12 6.62 8.73
CA MET A 155 23.27 5.23 8.27
C MET A 155 24.59 5.04 7.54
N GLU A 156 24.93 5.98 6.64
CA GLU A 156 26.20 5.95 5.92
CA GLU A 156 26.20 5.96 5.91
C GLU A 156 27.39 6.13 6.86
N GLU A 157 27.23 7.00 7.86
CA GLU A 157 28.27 7.23 8.88
C GLU A 157 28.51 5.99 9.74
N PHE A 158 27.42 5.37 10.19
CA PHE A 158 27.49 4.12 10.96
C PHE A 158 28.13 2.99 10.15
N ILE A 159 27.59 2.74 8.97
CA ILE A 159 28.08 1.67 8.07
C ILE A 159 29.54 1.91 7.66
N GLY A 160 29.93 3.18 7.53
CA GLY A 160 31.32 3.55 7.24
C GLY A 160 32.32 3.16 8.33
N THR A 161 31.90 3.31 9.60
CA THR A 161 32.74 2.96 10.75
C THR A 161 32.37 1.59 11.32
N VAL A 162 32.61 0.54 10.52
CA VAL A 162 32.48 -0.86 10.96
C VAL A 162 33.75 -1.61 10.56
N ARG A 163 34.70 -1.70 11.49
CA ARG A 163 35.96 -2.40 11.27
C ARG A 163 35.77 -3.89 11.52
N GLY A 164 35.94 -4.72 10.49
CA GLY A 164 35.76 -6.17 10.63
C GLY A 164 36.05 -6.97 9.36
N LYS A 165 36.52 -8.20 9.56
CA LYS A 165 36.84 -9.11 8.45
C LYS A 165 35.57 -9.80 7.95
N ALA A 166 34.84 -10.42 8.88
CA ALA A 166 33.57 -11.10 8.58
C ALA A 166 32.42 -10.14 8.26
N MET A 167 32.58 -8.85 8.59
CA MET A 167 31.58 -7.82 8.32
C MET A 167 31.89 -7.03 7.03
N LYS A 168 32.93 -7.46 6.29
CA LYS A 168 33.39 -6.74 5.09
C LYS A 168 32.43 -6.91 3.91
N LYS A 169 31.87 -8.11 3.75
CA LYS A 169 30.89 -8.38 2.69
C LYS A 169 29.56 -7.65 2.90
N TRP A 170 29.16 -7.49 4.17
CA TRP A 170 27.91 -6.81 4.51
C TRP A 170 27.95 -5.30 4.25
N VAL A 171 29.07 -4.66 4.60
CA VAL A 171 29.26 -3.23 4.27
CA VAL A 171 29.27 -3.23 4.28
C VAL A 171 29.33 -3.04 2.76
N GLU A 172 29.92 -3.99 2.05
CA GLU A 172 30.02 -3.94 0.58
C GLU A 172 28.64 -4.08 -0.09
N SER A 173 27.81 -4.99 0.43
CA SER A 173 26.45 -5.22 -0.09
C SER A 173 25.50 -4.06 0.24
N ILE A 174 25.59 -3.54 1.46
CA ILE A 174 24.77 -2.39 1.89
C ILE A 174 25.18 -1.12 1.14
N THR A 175 26.49 -0.92 0.95
CA THR A 175 26.99 0.20 0.14
C THR A 175 26.57 0.10 -1.33
N LYS A 176 26.51 -1.12 -1.86
CA LYS A 176 26.05 -1.36 -3.24
C LYS A 176 24.58 -0.94 -3.46
N ILE A 177 23.73 -1.18 -2.46
CA ILE A 177 22.29 -0.89 -2.56
C ILE A 177 22.02 0.62 -2.49
N ILE A 178 22.65 1.33 -1.55
CA ILE A 178 22.56 2.79 -1.47
CA ILE A 178 22.55 2.80 -1.48
C ILE A 178 23.08 3.42 -2.79
N GLN A 179 24.10 2.80 -3.38
CA GLN A 179 24.64 3.25 -4.68
C GLN A 179 23.57 3.14 -5.77
N ARG A 180 22.87 2.00 -5.80
CA ARG A 180 21.75 1.79 -6.73
C ARG A 180 20.58 2.72 -6.46
N LYS A 181 20.20 2.85 -5.18
CA LYS A 181 19.04 3.67 -4.78
C LYS A 181 19.26 5.18 -4.99
N LYS A 182 20.51 5.64 -4.89
CA LYS A 182 20.87 7.03 -5.22
CA LYS A 182 20.86 7.03 -5.21
C LYS A 182 20.65 7.30 -6.70
N ILE A 183 21.14 6.39 -7.55
CA ILE A 183 21.00 6.49 -9.00
C ILE A 183 19.55 6.24 -9.46
N ALA A 184 18.82 5.43 -8.69
CA ALA A 184 17.40 5.11 -8.99
C ALA A 184 16.42 6.29 -8.84
N ARG A 185 16.87 7.44 -8.33
CA ARG A 185 16.06 8.66 -8.31
C ARG A 185 15.70 9.10 -9.72
N ASP A 186 16.73 9.26 -10.55
CA ASP A 186 16.57 9.65 -11.96
C ASP A 186 16.46 8.41 -12.84
N THR A 194 7.94 -2.86 -24.13
CA THR A 194 8.51 -4.19 -23.86
C THR A 194 7.39 -5.22 -23.63
N PHE A 195 6.66 -5.52 -24.70
CA PHE A 195 5.53 -6.44 -24.65
C PHE A 195 5.95 -7.85 -25.00
N GLN A 196 5.22 -8.83 -24.48
CA GLN A 196 5.45 -10.26 -24.76
C GLN A 196 4.67 -10.70 -26.01
N SER A 197 3.46 -10.15 -26.17
CA SER A 197 2.64 -10.34 -27.37
C SER A 197 2.38 -8.98 -28.04
N SER A 198 1.84 -9.00 -29.25
CA SER A 198 1.51 -7.77 -29.98
C SER A 198 0.28 -7.12 -29.33
N PRO A 199 0.40 -5.85 -28.87
CA PRO A 199 -0.77 -5.21 -28.28
C PRO A 199 -1.81 -4.87 -29.35
N PRO A 200 -3.11 -4.86 -28.97
CA PRO A 200 -4.15 -4.53 -29.95
C PRO A 200 -4.07 -3.06 -30.40
N THR A 201 -4.62 -2.76 -31.57
CA THR A 201 -4.59 -1.41 -32.11
C THR A 201 -5.44 -0.47 -31.25
N VAL A 202 -4.93 0.74 -31.00
CA VAL A 202 -5.64 1.76 -30.23
C VAL A 202 -6.90 2.20 -31.00
N GLU A 203 -8.03 2.19 -30.30
CA GLU A 203 -9.36 2.42 -30.89
C GLU A 203 -9.79 3.88 -30.75
N TRP A 204 -10.39 4.42 -31.81
CA TRP A 204 -10.91 5.79 -31.85
C TRP A 204 -12.33 5.77 -32.38
N HIS A 205 -13.09 6.81 -32.05
CA HIS A 205 -14.53 6.90 -32.38
C HIS A 205 -14.85 8.24 -33.10
N ILE A 206 -15.19 9.29 -32.35
CA ILE A 206 -15.51 10.60 -32.93
C ILE A 206 -14.27 11.49 -32.87
N SER A 207 -13.72 11.66 -31.67
CA SER A 207 -12.48 12.43 -31.47
C SER A 207 -11.31 11.83 -32.24
N ARG A 208 -10.63 12.66 -33.02
CA ARG A 208 -9.43 12.24 -33.76
C ARG A 208 -8.21 12.22 -32.85
N PRO A 209 -7.18 11.40 -33.21
CA PRO A 209 -5.91 11.48 -32.49
C PRO A 209 -5.31 12.88 -32.58
N GLY A 210 -4.94 13.44 -31.43
CA GLY A 210 -4.42 14.81 -31.36
C GLY A 210 -5.44 15.87 -30.97
N HIS A 211 -6.70 15.68 -31.35
CA HIS A 211 -7.78 16.64 -31.05
C HIS A 211 -8.22 16.51 -29.59
N ILE A 212 -7.35 16.94 -28.68
CA ILE A 212 -7.55 16.73 -27.24
C ILE A 212 -8.67 17.57 -26.61
N GLU A 213 -9.02 18.67 -27.26
CA GLU A 213 -10.08 19.56 -26.77
C GLU A 213 -11.49 18.96 -26.97
N THR A 214 -11.62 18.03 -27.92
CA THR A 214 -12.88 17.30 -28.17
C THR A 214 -13.04 16.02 -27.34
N PHE A 215 -11.98 15.60 -26.64
CA PHE A 215 -12.00 14.38 -25.81
C PHE A 215 -13.09 14.47 -24.74
N ASP A 216 -13.93 13.44 -24.68
CA ASP A 216 -15.02 13.39 -23.71
C ASP A 216 -15.56 11.97 -23.61
N LEU A 217 -16.50 11.75 -22.69
CA LEU A 217 -17.09 10.43 -22.43
C LEU A 217 -17.63 9.74 -23.69
N LEU A 218 -18.35 10.49 -24.52
CA LEU A 218 -19.02 9.94 -25.70
C LEU A 218 -18.23 10.07 -27.00
N THR A 219 -17.16 10.87 -27.00
CA THR A 219 -16.36 11.13 -28.21
C THR A 219 -15.14 10.20 -28.33
N LEU A 220 -14.54 9.83 -27.20
CA LEU A 220 -13.52 8.78 -27.17
C LEU A 220 -14.21 7.42 -27.35
N HIS A 221 -13.44 6.42 -27.77
CA HIS A 221 -13.98 5.07 -27.93
C HIS A 221 -14.13 4.42 -26.55
N PRO A 222 -15.29 3.79 -26.26
CA PRO A 222 -15.46 3.17 -24.93
C PRO A 222 -14.42 2.08 -24.63
N ILE A 223 -14.08 1.26 -25.63
CA ILE A 223 -12.99 0.28 -25.49
C ILE A 223 -11.71 0.96 -25.02
N GLU A 224 -11.33 2.07 -25.65
CA GLU A 224 -10.07 2.73 -25.33
C GLU A 224 -10.11 3.51 -24.00
N ILE A 225 -11.27 4.03 -23.63
CA ILE A 225 -11.46 4.61 -22.28
C ILE A 225 -11.15 3.55 -21.22
N ALA A 226 -11.73 2.37 -21.39
CA ALA A 226 -11.52 1.27 -20.46
C ALA A 226 -10.06 0.80 -20.43
N ARG A 227 -9.43 0.67 -21.59
CA ARG A 227 -8.01 0.30 -21.67
C ARG A 227 -7.08 1.29 -20.98
N GLN A 228 -7.25 2.57 -21.31
CA GLN A 228 -6.37 3.62 -20.76
C GLN A 228 -6.56 3.84 -19.26
N LEU A 229 -7.80 3.72 -18.78
CA LEU A 229 -8.08 3.75 -17.35
C LEU A 229 -7.50 2.53 -16.62
N THR A 230 -7.53 1.36 -17.26
CA THR A 230 -6.96 0.14 -16.70
C THR A 230 -5.43 0.22 -16.57
N LEU A 231 -4.77 0.72 -17.60
CA LEU A 231 -3.32 0.97 -17.56
C LEU A 231 -2.96 1.98 -16.47
N LEU A 232 -3.72 3.08 -16.42
CA LEU A 232 -3.53 4.11 -15.39
C LEU A 232 -3.71 3.53 -13.99
N GLU A 233 -4.83 2.83 -13.76
CA GLU A 233 -5.13 2.25 -12.44
C GLU A 233 -4.19 1.11 -12.05
N SER A 234 -3.74 0.33 -13.03
CA SER A 234 -2.72 -0.70 -12.78
C SER A 234 -1.44 -0.08 -12.24
N ASP A 235 -0.97 0.98 -12.89
CA ASP A 235 0.22 1.71 -12.43
C ASP A 235 0.03 2.30 -11.03
N LEU A 236 -1.14 2.89 -10.77
CA LEU A 236 -1.44 3.42 -9.45
C LEU A 236 -1.51 2.32 -8.38
N TYR A 237 -2.14 1.19 -8.72
CA TYR A 237 -2.20 0.03 -7.81
C TYR A 237 -0.80 -0.51 -7.46
N ARG A 238 0.02 -0.68 -8.49
CA ARG A 238 1.38 -1.21 -8.36
C ARG A 238 2.34 -0.28 -7.58
N ALA A 239 2.03 1.02 -7.55
CA ALA A 239 2.87 2.01 -6.86
C ALA A 239 2.69 2.06 -5.33
N VAL A 240 1.60 1.49 -4.80
CA VAL A 240 1.32 1.57 -3.37
C VAL A 240 2.25 0.65 -2.57
N GLN A 241 2.99 1.24 -1.64
CA GLN A 241 3.86 0.50 -0.72
C GLN A 241 3.11 0.17 0.56
N PRO A 242 3.33 -1.04 1.15
CA PRO A 242 2.68 -1.48 2.39
C PRO A 242 2.63 -0.48 3.55
N SER A 243 3.73 0.22 3.81
CA SER A 243 3.83 1.17 4.93
C SER A 243 2.87 2.36 4.83
N GLU A 244 2.44 2.68 3.62
CA GLU A 244 1.43 3.73 3.40
C GLU A 244 0.08 3.38 4.03
N LEU A 245 -0.19 2.07 4.17
CA LEU A 245 -1.45 1.57 4.73
C LEU A 245 -1.41 1.24 6.24
N VAL A 246 -0.23 1.17 6.84
CA VAL A 246 -0.09 0.76 8.24
C VAL A 246 -0.44 1.92 9.19
N GLY A 247 -1.15 1.61 10.28
CA GLY A 247 -1.47 2.57 11.33
C GLY A 247 -2.43 3.69 10.96
N SER A 248 -3.20 3.49 9.88
CA SER A 248 -4.08 4.52 9.31
C SER A 248 -3.37 5.84 8.99
N VAL A 249 -2.10 5.76 8.58
CA VAL A 249 -1.27 6.96 8.34
C VAL A 249 -1.72 7.85 7.16
N TRP A 250 -2.55 7.30 6.26
CA TRP A 250 -3.16 8.09 5.17
C TRP A 250 -4.28 9.03 5.65
N THR A 251 -4.80 8.82 6.87
CA THR A 251 -5.78 9.71 7.49
C THR A 251 -5.19 10.65 8.57
N LYS A 252 -3.89 10.53 8.86
CA LYS A 252 -3.22 11.35 9.88
C LYS A 252 -2.80 12.70 9.29
N GLU A 253 -2.19 13.54 10.13
CA GLU A 253 -1.77 14.90 9.73
C GLU A 253 -0.72 14.93 8.61
N ASP A 254 0.26 14.03 8.67
CA ASP A 254 1.33 13.93 7.66
C ASP A 254 1.03 12.84 6.62
N LYS A 255 -0.15 12.90 6.02
CA LYS A 255 -0.61 11.91 5.05
C LYS A 255 0.12 12.01 3.69
N GLU A 256 0.40 13.25 3.26
CA GLU A 256 0.95 13.51 1.92
C GLU A 256 2.37 12.95 1.74
N ILE A 257 3.17 12.98 2.81
CA ILE A 257 4.53 12.44 2.80
C ILE A 257 4.53 10.93 3.06
N ASN A 258 3.69 10.49 4.00
CA ASN A 258 3.65 9.06 4.39
C ASN A 258 2.91 8.15 3.41
N SER A 259 1.87 8.66 2.76
CA SER A 259 1.01 7.84 1.89
C SER A 259 0.67 8.51 0.54
N PRO A 260 1.70 8.87 -0.26
CA PRO A 260 1.46 9.60 -1.51
C PRO A 260 0.86 8.77 -2.65
N ASN A 261 1.27 7.51 -2.78
CA ASN A 261 0.78 6.65 -3.86
C ASN A 261 -0.63 6.17 -3.54
N LEU A 262 -0.86 5.82 -2.28
CA LEU A 262 -2.18 5.49 -1.76
C LEU A 262 -3.18 6.63 -1.97
N LEU A 263 -2.78 7.86 -1.64
CA LEU A 263 -3.66 9.02 -1.82
C LEU A 263 -3.95 9.30 -3.29
N LYS A 264 -2.97 9.11 -4.16
CA LYS A 264 -3.18 9.21 -5.61
C LYS A 264 -4.24 8.20 -6.09
N MET A 265 -4.17 6.97 -5.58
CA MET A 265 -5.14 5.91 -5.91
C MET A 265 -6.55 6.32 -5.48
N ILE A 266 -6.69 6.70 -4.21
CA ILE A 266 -7.99 7.11 -3.64
C ILE A 266 -8.58 8.32 -4.38
N ARG A 267 -7.75 9.32 -4.66
CA ARG A 267 -8.20 10.53 -5.34
C ARG A 267 -8.61 10.29 -6.79
N HIS A 268 -7.88 9.42 -7.49
CA HIS A 268 -8.30 8.99 -8.83
C HIS A 268 -9.69 8.36 -8.79
N THR A 269 -9.90 7.45 -7.84
CA THR A 269 -11.19 6.76 -7.67
C THR A 269 -12.32 7.76 -7.41
N THR A 270 -12.08 8.68 -6.47
CA THR A 270 -13.02 9.77 -6.19
C THR A 270 -13.32 10.58 -7.46
N ASN A 271 -12.27 11.00 -8.17
CA ASN A 271 -12.46 11.86 -9.37
C ASN A 271 -13.14 11.12 -10.53
N LEU A 272 -12.77 9.87 -10.77
CA LEU A 272 -13.44 9.10 -11.83
C LEU A 272 -14.91 8.83 -11.50
N THR A 273 -15.19 8.40 -10.28
CA THR A 273 -16.55 8.09 -9.84
C THR A 273 -17.44 9.33 -9.92
N LEU A 274 -16.95 10.45 -9.39
CA LEU A 274 -17.71 11.71 -9.44
C LEU A 274 -17.84 12.27 -10.86
N TRP A 275 -16.84 12.03 -11.71
CA TRP A 275 -16.92 12.43 -13.13
C TRP A 275 -18.02 11.65 -13.86
N PHE A 276 -18.12 10.34 -13.63
CA PHE A 276 -19.23 9.56 -14.18
C PHE A 276 -20.57 10.14 -13.74
N GLU A 277 -20.71 10.41 -12.43
CA GLU A 277 -21.95 10.98 -11.90
C GLU A 277 -22.25 12.35 -12.52
N LYS A 278 -21.21 13.15 -12.68
CA LYS A 278 -21.31 14.49 -13.30
C LYS A 278 -21.81 14.39 -14.74
N CYS A 279 -21.14 13.53 -15.53
CA CYS A 279 -21.55 13.26 -16.92
C CYS A 279 -23.03 12.89 -17.04
N ILE A 280 -23.52 12.09 -16.10
CA ILE A 280 -24.92 11.63 -16.13
C ILE A 280 -25.91 12.75 -15.80
N VAL A 281 -25.78 13.35 -14.62
CA VAL A 281 -26.78 14.31 -14.13
C VAL A 281 -26.73 15.69 -14.81
N GLU A 282 -25.58 16.07 -15.37
CA GLU A 282 -25.48 17.30 -16.18
C GLU A 282 -26.00 17.14 -17.61
N THR A 283 -26.23 15.90 -18.05
CA THR A 283 -26.95 15.61 -19.28
C THR A 283 -28.45 15.63 -18.95
N GLU A 284 -29.08 16.79 -19.12
CA GLU A 284 -30.47 16.99 -18.69
CA GLU A 284 -30.46 17.00 -18.69
C GLU A 284 -31.50 16.37 -19.60
N ASN A 285 -31.21 16.28 -20.90
CA ASN A 285 -32.10 15.60 -21.85
C ASN A 285 -32.11 14.11 -21.51
N LEU A 286 -33.30 13.52 -21.42
CA LEU A 286 -33.46 12.12 -21.00
C LEU A 286 -32.79 11.14 -21.95
N GLU A 287 -33.06 11.32 -23.25
CA GLU A 287 -32.55 10.40 -24.27
CA GLU A 287 -32.55 10.42 -24.29
C GLU A 287 -31.02 10.47 -24.37
N GLU A 288 -30.46 11.65 -24.18
CA GLU A 288 -29.01 11.82 -24.14
C GLU A 288 -28.41 11.19 -22.87
N ARG A 289 -29.10 11.35 -21.74
CA ARG A 289 -28.67 10.78 -20.47
C ARG A 289 -28.67 9.25 -20.50
N VAL A 290 -29.66 8.67 -21.19
CA VAL A 290 -29.70 7.21 -21.38
C VAL A 290 -28.47 6.74 -22.17
N ALA A 291 -28.11 7.49 -23.23
CA ALA A 291 -26.91 7.19 -24.01
C ALA A 291 -25.63 7.29 -23.17
N VAL A 292 -25.56 8.29 -22.30
CA VAL A 292 -24.45 8.46 -21.37
C VAL A 292 -24.31 7.26 -20.41
N VAL A 293 -25.43 6.87 -19.78
CA VAL A 293 -25.45 5.74 -18.84
C VAL A 293 -25.08 4.44 -19.55
N SER A 294 -25.68 4.21 -20.71
CA SER A 294 -25.38 3.04 -21.54
C SER A 294 -23.89 2.95 -21.91
N ARG A 295 -23.25 4.09 -22.16
CA ARG A 295 -21.82 4.12 -22.53
C ARG A 295 -20.92 3.76 -21.35
N ILE A 296 -21.28 4.23 -20.16
CA ILE A 296 -20.56 3.87 -18.92
C ILE A 296 -20.71 2.38 -18.58
N ILE A 297 -21.87 1.80 -18.84
CA ILE A 297 -22.07 0.35 -18.66
C ILE A 297 -21.15 -0.42 -19.63
N GLU A 298 -21.05 0.06 -20.88
CA GLU A 298 -20.11 -0.51 -21.85
C GLU A 298 -18.65 -0.43 -21.39
N ILE A 299 -18.29 0.70 -20.77
CA ILE A 299 -16.96 0.84 -20.19
C ILE A 299 -16.73 -0.21 -19.11
N LEU A 300 -17.73 -0.44 -18.24
CA LEU A 300 -17.68 -1.50 -17.23
C LEU A 300 -17.51 -2.89 -17.87
N GLN A 301 -18.22 -3.14 -18.98
CA GLN A 301 -18.11 -4.43 -19.69
CA GLN A 301 -18.11 -4.43 -19.68
C GLN A 301 -16.67 -4.71 -20.12
N VAL A 302 -15.98 -3.66 -20.59
CA VAL A 302 -14.58 -3.80 -21.02
C VAL A 302 -13.66 -3.93 -19.81
N PHE A 303 -13.93 -3.18 -18.73
CA PHE A 303 -13.25 -3.40 -17.44
C PHE A 303 -13.34 -4.87 -17.01
N GLN A 304 -14.51 -5.48 -17.14
CA GLN A 304 -14.71 -6.90 -16.80
C GLN A 304 -13.92 -7.85 -17.71
N GLU A 305 -13.89 -7.55 -19.01
CA GLU A 305 -13.04 -8.29 -19.97
C GLU A 305 -11.56 -8.25 -19.56
N LEU A 306 -11.11 -7.07 -19.11
CA LEU A 306 -9.73 -6.85 -18.69
C LEU A 306 -9.40 -7.31 -17.25
N ASN A 307 -10.41 -7.76 -16.51
CA ASN A 307 -10.30 -8.07 -15.08
C ASN A 307 -9.74 -6.90 -14.25
N ASN A 308 -10.15 -5.69 -14.62
CA ASN A 308 -9.91 -4.51 -13.81
C ASN A 308 -11.14 -4.37 -12.90
N PHE A 309 -11.08 -5.06 -11.76
CA PHE A 309 -12.17 -5.05 -10.79
C PHE A 309 -12.29 -3.68 -10.10
N ASN A 310 -11.16 -3.00 -9.93
CA ASN A 310 -11.14 -1.62 -9.42
C ASN A 310 -12.06 -0.74 -10.26
N GLY A 311 -11.88 -0.81 -11.58
CA GLY A 311 -12.71 -0.12 -12.55
C GLY A 311 -14.18 -0.48 -12.49
N VAL A 312 -14.48 -1.79 -12.45
CA VAL A 312 -15.86 -2.26 -12.39
C VAL A 312 -16.61 -1.63 -11.21
N LEU A 313 -15.97 -1.68 -10.04
CA LEU A 313 -16.60 -1.18 -8.81
C LEU A 313 -16.62 0.34 -8.71
N GLU A 314 -15.75 1.04 -9.44
CA GLU A 314 -15.89 2.50 -9.61
C GLU A 314 -17.19 2.83 -10.39
N VAL A 315 -17.51 2.04 -11.42
CA VAL A 315 -18.75 2.24 -12.18
C VAL A 315 -19.97 1.88 -11.30
N VAL A 316 -19.88 0.78 -10.56
CA VAL A 316 -20.94 0.36 -9.61
C VAL A 316 -21.19 1.46 -8.58
N SER A 317 -20.12 2.00 -8.01
CA SER A 317 -20.21 3.10 -7.05
C SER A 317 -20.96 4.28 -7.66
N ALA A 318 -20.57 4.68 -8.87
CA ALA A 318 -21.23 5.77 -9.59
C ALA A 318 -22.72 5.50 -9.83
N MET A 319 -23.04 4.28 -10.26
CA MET A 319 -24.42 3.89 -10.53
C MET A 319 -25.25 3.77 -9.25
N ASN A 320 -24.63 3.36 -8.15
CA ASN A 320 -25.32 3.24 -6.85
C ASN A 320 -25.40 4.54 -6.05
N SER A 321 -24.75 5.59 -6.51
CA SER A 321 -24.75 6.88 -5.80
C SER A 321 -26.13 7.50 -5.72
N SER A 322 -26.34 8.34 -4.70
CA SER A 322 -27.66 8.93 -4.47
CA SER A 322 -27.64 8.97 -4.45
C SER A 322 -28.22 9.71 -5.65
N PRO A 323 -27.37 10.47 -6.39
CA PRO A 323 -27.93 11.20 -7.55
C PRO A 323 -28.30 10.33 -8.76
N VAL A 324 -27.62 9.20 -8.93
CA VAL A 324 -27.78 8.36 -10.12
C VAL A 324 -28.79 7.24 -9.90
N TYR A 325 -28.69 6.56 -8.75
CA TYR A 325 -29.52 5.39 -8.44
C TYR A 325 -31.03 5.68 -8.48
N ARG A 326 -31.41 6.91 -8.15
CA ARG A 326 -32.81 7.36 -8.17
C ARG A 326 -33.38 7.73 -9.56
N LEU A 327 -32.58 7.71 -10.63
CA LEU A 327 -33.03 8.12 -11.96
C LEU A 327 -33.83 7.02 -12.66
N ASP A 328 -35.07 6.81 -12.21
CA ASP A 328 -35.92 5.71 -12.67
C ASP A 328 -36.29 5.80 -14.15
N HIS A 329 -36.49 7.03 -14.65
CA HIS A 329 -36.85 7.25 -16.06
C HIS A 329 -35.69 6.94 -17.01
N THR A 330 -34.45 7.15 -16.54
CA THR A 330 -33.25 6.82 -17.31
C THR A 330 -33.06 5.31 -17.40
N PHE A 331 -33.09 4.64 -16.24
CA PHE A 331 -32.85 3.19 -16.18
C PHE A 331 -33.99 2.36 -16.78
N GLU A 332 -35.18 2.93 -16.91
CA GLU A 332 -36.27 2.31 -17.66
C GLU A 332 -35.88 2.03 -19.13
N GLN A 333 -35.16 2.97 -19.74
CA GLN A 333 -34.75 2.87 -21.15
C GLN A 333 -33.46 2.07 -21.41
N ILE A 334 -32.73 1.72 -20.35
CA ILE A 334 -31.52 0.90 -20.49
C ILE A 334 -31.95 -0.53 -20.81
N PRO A 335 -31.40 -1.14 -21.89
CA PRO A 335 -31.76 -2.53 -22.24
C PRO A 335 -31.53 -3.51 -21.08
N SER A 336 -32.41 -4.51 -20.99
CA SER A 336 -32.33 -5.53 -19.94
CA SER A 336 -32.34 -5.53 -19.95
C SER A 336 -30.96 -6.20 -19.87
N ARG A 337 -30.32 -6.38 -21.03
CA ARG A 337 -28.96 -6.95 -21.09
C ARG A 337 -27.93 -6.12 -20.30
N GLN A 338 -28.03 -4.80 -20.42
CA GLN A 338 -27.16 -3.87 -19.66
C GLN A 338 -27.55 -3.79 -18.18
N LYS A 339 -28.86 -3.82 -17.88
CA LYS A 339 -29.34 -3.93 -16.49
C LYS A 339 -28.73 -5.15 -15.79
N LYS A 340 -28.72 -6.29 -16.48
CA LYS A 340 -28.18 -7.53 -15.93
C LYS A 340 -26.68 -7.44 -15.65
N ILE A 341 -25.94 -6.79 -16.56
CA ILE A 341 -24.50 -6.54 -16.37
C ILE A 341 -24.25 -5.70 -15.10
N LEU A 342 -25.07 -4.68 -14.88
CA LEU A 342 -25.01 -3.88 -13.65
C LEU A 342 -25.38 -4.68 -12.40
N GLU A 343 -26.41 -5.52 -12.50
CA GLU A 343 -26.84 -6.39 -11.40
C GLU A 343 -25.71 -7.35 -10.97
N GLU A 344 -25.09 -8.01 -11.95
CA GLU A 344 -24.02 -8.96 -11.68
C GLU A 344 -22.74 -8.28 -11.14
N ALA A 345 -22.48 -7.07 -11.61
CA ALA A 345 -21.37 -6.26 -11.08
C ALA A 345 -21.60 -5.90 -9.62
N HIS A 346 -22.80 -5.42 -9.29
CA HIS A 346 -23.18 -5.12 -7.91
C HIS A 346 -23.07 -6.35 -7.02
N GLU A 347 -23.52 -7.48 -7.54
CA GLU A 347 -23.49 -8.77 -6.82
C GLU A 347 -22.09 -9.21 -6.38
N LEU A 348 -21.04 -8.72 -7.03
CA LEU A 348 -19.65 -8.93 -6.58
C LEU A 348 -19.45 -8.52 -5.11
N SER A 349 -20.05 -7.39 -4.72
CA SER A 349 -19.91 -6.83 -3.37
C SER A 349 -20.74 -7.50 -2.27
N GLU A 350 -21.82 -8.20 -2.65
CA GLU A 350 -22.77 -8.78 -1.69
C GLU A 350 -22.11 -9.85 -0.81
N ASP A 351 -22.60 -9.97 0.42
CA ASP A 351 -22.14 -10.96 1.40
C ASP A 351 -20.62 -10.85 1.66
N HIS A 352 -20.19 -9.65 2.03
CA HIS A 352 -18.77 -9.33 2.30
C HIS A 352 -17.84 -9.70 1.13
N TYR A 353 -18.23 -9.28 -0.07
CA TYR A 353 -17.47 -9.48 -1.31
C TYR A 353 -17.16 -10.96 -1.65
N LYS A 354 -18.08 -11.85 -1.26
CA LYS A 354 -17.88 -13.30 -1.47
C LYS A 354 -17.59 -13.63 -2.93
N LYS A 355 -18.46 -13.16 -3.83
CA LYS A 355 -18.33 -13.40 -5.27
C LYS A 355 -17.07 -12.75 -5.85
N TYR A 356 -16.79 -11.52 -5.44
CA TYR A 356 -15.58 -10.81 -5.88
C TYR A 356 -14.32 -11.63 -5.58
N LEU A 357 -14.19 -12.06 -4.33
CA LEU A 357 -13.00 -12.79 -3.88
C LEU A 357 -12.84 -14.12 -4.61
N ALA A 358 -13.95 -14.82 -4.84
CA ALA A 358 -13.93 -16.07 -5.62
C ALA A 358 -13.52 -15.80 -7.08
N LYS A 359 -14.00 -14.70 -7.65
CA LYS A 359 -13.65 -14.32 -9.03
C LYS A 359 -12.16 -13.96 -9.15
N LEU A 360 -11.65 -13.17 -8.21
CA LEU A 360 -10.23 -12.77 -8.17
C LEU A 360 -9.26 -13.95 -8.06
N ARG A 361 -9.62 -14.97 -7.28
CA ARG A 361 -8.80 -16.18 -7.13
C ARG A 361 -8.85 -17.09 -8.37
N SER A 362 -9.97 -17.10 -9.08
CA SER A 362 -10.16 -18.00 -10.23
C SER A 362 -9.40 -17.59 -11.50
N ILE A 363 -9.29 -16.28 -11.73
CA ILE A 363 -8.67 -15.76 -12.97
C ILE A 363 -7.14 -15.84 -13.00
N ASN A 364 -6.58 -15.77 -14.21
CA ASN A 364 -5.13 -15.64 -14.43
C ASN A 364 -4.78 -14.17 -14.67
N PRO A 365 -3.49 -13.81 -14.55
CA PRO A 365 -3.09 -12.42 -14.85
C PRO A 365 -3.32 -12.03 -16.33
N PRO A 366 -3.42 -10.73 -16.63
CA PRO A 366 -3.31 -9.62 -15.67
C PRO A 366 -4.65 -9.19 -15.08
N CYS A 367 -4.60 -8.53 -13.92
CA CYS A 367 -5.78 -7.95 -13.28
C CYS A 367 -5.42 -6.66 -12.53
N VAL A 368 -6.44 -5.90 -12.16
CA VAL A 368 -6.32 -4.82 -11.19
C VAL A 368 -7.32 -5.08 -10.07
N PRO A 369 -6.85 -5.52 -8.89
CA PRO A 369 -7.76 -5.80 -7.79
C PRO A 369 -8.51 -4.55 -7.31
N PHE A 370 -9.73 -4.76 -6.81
CA PHE A 370 -10.52 -3.73 -6.14
C PHE A 370 -9.75 -3.27 -4.91
N PHE A 371 -9.29 -2.03 -4.94
CA PHE A 371 -8.44 -1.50 -3.88
C PHE A 371 -9.20 -1.18 -2.59
N GLY A 372 -10.43 -0.68 -2.73
CA GLY A 372 -11.27 -0.27 -1.60
C GLY A 372 -11.43 -1.28 -0.47
N ILE A 373 -11.50 -2.57 -0.81
CA ILE A 373 -11.66 -3.63 0.18
C ILE A 373 -10.46 -3.74 1.13
N TYR A 374 -9.25 -3.48 0.64
CA TYR A 374 -8.05 -3.54 1.48
C TYR A 374 -8.07 -2.42 2.52
N LEU A 375 -8.44 -1.21 2.09
CA LEU A 375 -8.61 -0.07 3.00
C LEU A 375 -9.68 -0.31 4.07
N THR A 376 -10.82 -0.89 3.66
CA THR A 376 -11.88 -1.24 4.60
C THR A 376 -11.41 -2.24 5.66
N ASN A 377 -10.83 -3.35 5.21
CA ASN A 377 -10.34 -4.40 6.11
C ASN A 377 -9.21 -3.92 7.02
N ILE A 378 -8.31 -3.11 6.50
CA ILE A 378 -7.24 -2.52 7.32
C ILE A 378 -7.82 -1.58 8.39
N LEU A 379 -8.77 -0.73 8.01
CA LEU A 379 -9.44 0.17 8.98
C LEU A 379 -10.15 -0.60 10.11
N LYS A 380 -10.77 -1.74 9.77
CA LYS A 380 -11.37 -2.62 10.78
C LYS A 380 -10.36 -3.23 11.74
N THR A 381 -9.21 -3.65 11.21
CA THR A 381 -8.13 -4.23 12.03
C THR A 381 -7.55 -3.18 12.99
N GLU A 382 -7.28 -1.98 12.47
CA GLU A 382 -6.73 -0.88 13.28
C GLU A 382 -7.68 -0.48 14.42
N GLU A 383 -8.95 -0.28 14.07
N GLU A 383 -8.94 -0.26 14.07
CA GLU A 383 -9.98 0.12 15.04
CA GLU A 383 -9.97 0.12 15.06
C GLU A 383 -10.39 -1.03 15.98
C GLU A 383 -10.37 -1.03 15.98
N GLY A 384 -10.32 -2.26 15.48
CA GLY A 384 -10.76 -3.45 16.25
C GLY A 384 -9.78 -4.06 17.23
N ASN A 385 -8.50 -3.66 17.17
CA ASN A 385 -7.47 -4.19 18.06
C ASN A 385 -6.78 -3.05 18.78
N PRO A 386 -6.35 -3.28 20.04
CA PRO A 386 -5.76 -2.21 20.84
C PRO A 386 -4.32 -1.91 20.46
N GLU A 387 -3.90 -0.66 20.64
N GLU A 387 -3.91 -0.65 20.65
CA GLU A 387 -2.52 -0.24 20.33
CA GLU A 387 -2.54 -0.19 20.37
C GLU A 387 -1.48 -0.92 21.22
C GLU A 387 -1.49 -0.91 21.22
N VAL A 388 -1.83 -1.20 22.47
CA VAL A 388 -0.93 -1.87 23.43
C VAL A 388 -1.67 -2.92 24.27
N LEU A 389 -0.92 -3.90 24.77
CA LEU A 389 -1.41 -4.89 25.74
C LEU A 389 -0.83 -4.59 27.13
N LYS A 390 -1.62 -4.80 28.17
CA LYS A 390 -1.19 -4.57 29.55
C LYS A 390 -0.84 -5.89 30.25
N ARG A 391 0.32 -5.92 30.90
CA ARG A 391 0.76 -7.06 31.72
C ARG A 391 1.45 -6.54 32.99
N HIS A 392 0.86 -6.84 34.15
CA HIS A 392 1.41 -6.47 35.47
C HIS A 392 1.68 -4.96 35.62
N GLY A 393 0.80 -4.13 35.04
CA GLY A 393 0.92 -2.67 35.10
C GLY A 393 1.68 -2.00 33.96
N LYS A 394 2.44 -2.79 33.17
CA LYS A 394 3.30 -2.25 32.11
C LYS A 394 2.65 -2.42 30.73
N GLU A 395 2.65 -1.35 29.93
CA GLU A 395 2.11 -1.39 28.56
C GLU A 395 3.13 -1.96 27.59
N LEU A 396 2.68 -2.87 26.71
CA LEU A 396 3.53 -3.51 25.70
C LEU A 396 2.91 -3.36 24.32
N ILE A 397 3.74 -3.12 23.31
CA ILE A 397 3.27 -2.84 21.95
C ILE A 397 2.65 -4.11 21.34
N ASN A 398 1.42 -3.96 20.83
CA ASN A 398 0.69 -5.06 20.21
C ASN A 398 1.23 -5.29 18.81
N PHE A 399 2.12 -6.26 18.67
CA PHE A 399 2.75 -6.56 17.38
C PHE A 399 1.88 -7.44 16.48
N SER A 400 1.07 -8.31 17.06
CA SER A 400 0.10 -9.13 16.30
C SER A 400 -0.87 -8.26 15.50
N LYS A 401 -1.28 -7.13 16.07
CA LYS A 401 -2.09 -6.12 15.37
C LYS A 401 -1.41 -5.64 14.09
N ARG A 402 -0.12 -5.32 14.19
CA ARG A 402 0.68 -4.90 13.03
C ARG A 402 0.86 -6.02 12.00
N ARG A 403 1.13 -7.23 12.46
CA ARG A 403 1.29 -8.40 11.57
C ARG A 403 0.02 -8.71 10.77
N LYS A 404 -1.14 -8.56 11.39
CA LYS A 404 -2.43 -8.74 10.70
C LYS A 404 -2.64 -7.71 9.59
N VAL A 405 -2.26 -6.46 9.86
CA VAL A 405 -2.28 -5.39 8.86
C VAL A 405 -1.26 -5.71 7.76
N ALA A 406 -0.07 -6.15 8.16
CA ALA A 406 0.99 -6.54 7.22
C ALA A 406 0.59 -7.71 6.32
N GLU A 407 -0.16 -8.66 6.86
CA GLU A 407 -0.70 -9.78 6.06
C GLU A 407 -1.68 -9.31 4.98
N ILE A 408 -2.47 -8.28 5.28
CA ILE A 408 -3.39 -7.69 4.29
C ILE A 408 -2.62 -6.95 3.18
N THR A 409 -1.56 -6.22 3.54
CA THR A 409 -0.71 -5.57 2.54
C THR A 409 0.08 -6.56 1.69
N GLY A 410 0.38 -7.74 2.26
CA GLY A 410 0.96 -8.86 1.51
C GLY A 410 0.06 -9.36 0.38
N GLU A 411 -1.24 -9.39 0.63
CA GLU A 411 -2.23 -9.75 -0.41
C GLU A 411 -2.23 -8.73 -1.55
N ILE A 412 -2.09 -7.45 -1.20
CA ILE A 412 -1.97 -6.38 -2.18
C ILE A 412 -0.77 -6.62 -3.09
N GLN A 413 0.38 -6.98 -2.50
CA GLN A 413 1.65 -7.15 -3.21
C GLN A 413 1.68 -8.31 -4.21
N GLN A 414 0.95 -9.40 -3.93
CA GLN A 414 0.94 -10.56 -4.85
C GLN A 414 0.29 -10.28 -6.22
N TYR A 415 -0.48 -9.19 -6.33
CA TYR A 415 -1.06 -8.75 -7.61
C TYR A 415 -0.35 -7.54 -8.27
N GLN A 416 0.82 -7.15 -7.74
CA GLN A 416 1.52 -5.93 -8.21
C GLN A 416 2.57 -6.14 -9.33
N ASN A 417 2.63 -7.34 -9.92
CA ASN A 417 3.53 -7.60 -11.07
C ASN A 417 2.76 -8.21 -12.25
N GLN A 418 1.71 -7.50 -12.66
CA GLN A 418 0.81 -7.97 -13.72
C GLN A 418 0.59 -6.89 -14.79
N PRO A 419 1.63 -6.64 -15.63
CA PRO A 419 1.50 -5.63 -16.69
C PRO A 419 0.55 -6.06 -17.80
N TYR A 420 -0.19 -5.08 -18.33
CA TYR A 420 -1.15 -5.33 -19.41
C TYR A 420 -0.46 -5.27 -20.77
N CYS A 421 -0.90 -6.13 -21.69
CA CYS A 421 -0.48 -6.07 -23.10
C CYS A 421 -1.37 -5.07 -23.82
N LEU A 422 -1.13 -3.80 -23.51
CA LEU A 422 -1.97 -2.70 -23.98
C LEU A 422 -1.09 -1.47 -24.15
N ARG A 423 -1.18 -0.84 -25.32
CA ARG A 423 -0.37 0.32 -25.65
C ARG A 423 -0.96 1.58 -25.02
N VAL A 424 -0.10 2.40 -24.43
CA VAL A 424 -0.49 3.67 -23.83
C VAL A 424 -0.80 4.67 -24.94
N GLU A 425 -1.82 5.51 -24.69
CA GLU A 425 -2.10 6.66 -25.53
C GLU A 425 -1.90 7.86 -24.60
N SER A 426 -0.90 8.67 -24.90
CA SER A 426 -0.48 9.75 -23.99
C SER A 426 -1.55 10.80 -23.75
N ASP A 427 -2.23 11.23 -24.81
CA ASP A 427 -3.30 12.23 -24.70
C ASP A 427 -4.51 11.72 -23.91
N ILE A 428 -4.89 10.46 -24.11
CA ILE A 428 -6.04 9.89 -23.39
C ILE A 428 -5.66 9.69 -21.92
N LYS A 429 -4.45 9.19 -21.68
CA LYS A 429 -3.91 9.09 -20.32
C LYS A 429 -3.98 10.44 -19.60
N ARG A 430 -3.45 11.49 -20.22
CA ARG A 430 -3.44 12.83 -19.62
C ARG A 430 -4.83 13.34 -19.26
N PHE A 431 -5.80 13.14 -20.16
CA PHE A 431 -7.20 13.50 -19.94
C PHE A 431 -7.74 12.90 -18.62
N PHE A 432 -7.53 11.60 -18.43
CA PHE A 432 -8.01 10.93 -17.22
C PHE A 432 -7.18 11.23 -15.97
N GLU A 433 -5.88 11.47 -16.13
CA GLU A 433 -5.04 11.95 -15.01
C GLU A 433 -5.42 13.35 -14.50
N ASN A 434 -5.95 14.19 -15.39
CA ASN A 434 -6.31 15.58 -15.07
C ASN A 434 -7.77 15.78 -14.71
N LEU A 435 -8.58 14.71 -14.63
CA LEU A 435 -10.02 14.86 -14.30
C LEU A 435 -10.17 15.60 -12.98
N ASN A 436 -10.99 16.64 -13.01
CA ASN A 436 -11.29 17.44 -11.83
C ASN A 436 -12.77 17.81 -11.86
N PRO A 437 -13.67 16.81 -11.69
CA PRO A 437 -15.11 17.09 -11.74
C PRO A 437 -15.60 18.08 -10.67
N MET A 438 -14.95 18.07 -9.50
CA MET A 438 -15.31 18.96 -8.40
C MET A 438 -14.93 20.43 -8.64
N GLY A 439 -13.96 20.69 -9.54
CA GLY A 439 -13.51 22.06 -9.82
C GLY A 439 -12.86 22.66 -8.60
N ASN A 440 -13.34 23.83 -8.17
CA ASN A 440 -12.91 24.49 -6.94
C ASN A 440 -13.90 24.28 -5.77
N SER A 441 -14.87 23.38 -5.95
CA SER A 441 -15.81 23.05 -4.86
C SER A 441 -15.21 21.99 -3.97
N MET A 442 -15.62 21.98 -2.71
CA MET A 442 -15.33 20.87 -1.79
C MET A 442 -16.21 19.69 -2.18
N GLU A 443 -15.88 18.51 -1.68
CA GLU A 443 -16.57 17.28 -2.09
C GLU A 443 -18.03 17.28 -1.66
N LYS A 444 -18.28 17.60 -0.40
CA LYS A 444 -19.65 17.67 0.13
C LYS A 444 -20.50 18.67 -0.67
N GLU A 445 -19.93 19.84 -0.99
CA GLU A 445 -20.58 20.85 -1.82
C GLU A 445 -20.96 20.31 -3.20
N PHE A 446 -20.00 19.61 -3.83
CA PHE A 446 -20.20 19.08 -5.16
C PHE A 446 -21.22 17.95 -5.19
N THR A 447 -21.15 17.04 -4.22
CA THR A 447 -22.10 15.92 -4.13
C THR A 447 -23.52 16.38 -3.76
N ASP A 448 -23.63 17.51 -3.05
CA ASP A 448 -24.93 18.18 -2.86
C ASP A 448 -25.43 18.78 -4.17
N TYR A 449 -24.53 19.43 -4.92
CA TYR A 449 -24.85 19.92 -6.25
C TYR A 449 -25.35 18.79 -7.16
N LEU A 450 -24.64 17.66 -7.17
CA LEU A 450 -25.02 16.52 -8.01
C LEU A 450 -26.42 16.00 -7.69
N PHE A 451 -26.72 15.83 -6.40
CA PHE A 451 -28.05 15.38 -5.98
C PHE A 451 -29.15 16.41 -6.27
N ASN A 452 -28.84 17.70 -6.09
CA ASN A 452 -29.77 18.78 -6.50
C ASN A 452 -30.03 18.77 -8.01
N LYS A 453 -28.97 18.51 -8.79
CA LYS A 453 -29.11 18.31 -10.24
C LYS A 453 -30.01 17.12 -10.58
N SER A 454 -29.85 16.01 -9.85
CA SER A 454 -30.70 14.82 -10.05
C SER A 454 -32.18 15.15 -9.84
N LEU A 455 -32.49 15.87 -8.76
CA LEU A 455 -33.86 16.30 -8.47
C LEU A 455 -34.43 17.21 -9.56
N GLU A 456 -33.59 18.06 -10.16
CA GLU A 456 -34.02 18.93 -11.26
C GLU A 456 -34.39 18.13 -12.52
N ILE A 457 -33.50 17.23 -12.94
CA ILE A 457 -33.70 16.46 -14.19
C ILE A 457 -34.81 15.41 -14.09
N GLU A 458 -34.96 14.79 -12.91
CA GLU A 458 -36.08 13.88 -12.64
C GLU A 458 -36.68 14.19 -11.27
N PRO A 459 -37.65 15.13 -11.21
CA PRO A 459 -38.34 15.47 -9.96
C PRO A 459 -39.03 14.29 -9.27
N ARG A 460 -39.14 14.35 -7.94
CA ARG A 460 -39.82 13.34 -7.15
C ARG A 460 -41.32 13.39 -7.44
N ASN A 461 -41.98 12.24 -7.38
CA ASN A 461 -43.44 12.18 -7.54
C ASN A 461 -44.13 12.89 -6.36
N PRO A 462 -45.29 13.53 -6.57
CA PRO A 462 -46.08 13.46 -7.82
C PRO A 462 -45.85 14.62 -8.81
N LYS A 463 -44.65 15.23 -8.82
CA LYS A 463 -44.35 16.34 -9.72
C LYS A 463 -44.13 15.85 -11.16
N PRO A 464 -44.45 16.69 -12.16
CA PRO A 464 -44.31 16.26 -13.56
C PRO A 464 -42.87 16.25 -14.06
N LEU A 465 -42.60 15.42 -15.07
CA LEU A 465 -41.26 15.27 -15.65
C LEU A 465 -41.07 16.27 -16.80
N PRO A 466 -40.24 17.32 -16.61
CA PRO A 466 -40.07 18.27 -17.71
C PRO A 466 -39.09 17.79 -18.78
N ARG A 467 -39.26 18.30 -20.00
CA ARG A 467 -38.34 18.06 -21.11
C ARG A 467 -37.20 19.06 -21.05
N PHE A 468 -36.03 18.65 -21.53
CA PHE A 468 -34.86 19.52 -21.62
C PHE A 468 -34.22 19.42 -23.01
N PRO A 469 -33.59 20.52 -23.47
CA PRO A 469 -32.94 20.50 -24.79
C PRO A 469 -31.68 19.64 -24.85
N LYS A 470 -31.35 19.18 -26.06
CA LYS A 470 -30.11 18.43 -26.30
C LYS A 470 -28.88 19.30 -26.13
N LYS A 471 -27.81 18.73 -25.57
CA LYS A 471 -26.51 19.39 -25.47
C LYS A 471 -25.46 18.87 -26.47
N TYR A 472 -25.64 17.64 -26.97
CA TYR A 472 -24.67 17.01 -27.88
C TYR A 472 -25.07 17.19 -29.34
N SER A 473 -24.15 17.74 -30.14
CA SER A 473 -24.36 17.98 -31.57
C SER A 473 -23.84 16.83 -32.45
N TYR A 474 -23.17 15.86 -31.83
CA TYR A 474 -22.57 14.71 -32.54
C TYR A 474 -23.41 13.46 -32.30
N PRO A 475 -23.28 12.43 -33.15
CA PRO A 475 -24.08 11.20 -32.98
C PRO A 475 -23.83 10.48 -31.65
N LEU A 476 -24.90 9.95 -31.06
CA LEU A 476 -24.84 9.30 -29.75
C LEU A 476 -24.79 7.78 -29.82
N LYS A 477 -24.93 7.20 -31.01
CA LYS A 477 -24.80 5.75 -31.19
C LYS A 477 -23.39 5.31 -30.81
N SER A 478 -23.30 4.29 -29.96
CA SER A 478 -22.01 3.73 -29.57
C SER A 478 -21.40 2.95 -30.72
N PRO A 479 -20.06 2.95 -30.83
CA PRO A 479 -19.39 2.04 -31.76
C PRO A 479 -19.34 0.58 -31.24
N GLY A 480 -19.72 0.37 -29.98
CA GLY A 480 -19.77 -0.97 -29.39
C GLY A 480 -18.45 -1.29 -28.70
N VAL A 481 -18.35 -2.51 -28.17
CA VAL A 481 -17.17 -2.96 -27.41
C VAL A 481 -16.42 -4.15 -28.05
N ARG A 482 -16.76 -4.50 -29.29
CA ARG A 482 -15.97 -5.49 -30.03
C ARG A 482 -14.78 -4.77 -30.68
N PRO A 483 -13.54 -5.21 -30.39
CA PRO A 483 -12.37 -4.57 -31.00
C PRO A 483 -12.23 -4.92 -32.48
N SER A 484 -11.50 -4.09 -33.23
CA SER A 484 -11.34 -4.25 -34.68
C SER A 484 -10.43 -5.42 -35.03
N ASN A 485 -10.77 -6.12 -36.12
CA ASN A 485 -9.92 -7.15 -36.75
C ASN A 485 -10.60 -7.72 -37.99
#